data_7ZWY
#
_entry.id   7ZWY
#
_cell.length_a   67.623
_cell.length_b   67.623
_cell.length_c   164.729
_cell.angle_alpha   90.000
_cell.angle_beta   90.000
_cell.angle_gamma   120.000
#
_symmetry.space_group_name_H-M   'P 61 2 2'
#
loop_
_entity.id
_entity.type
_entity.pdbx_description
1 polymer 'B-cell lymphoma 6 protein'
2 polymer ALA-TRP-VAL-ILE-PRO-ALA
3 non-polymer 2-chloranyl-4-[(phenylmethyl)amino]pyridine-3-carbonitrile
4 non-polymer 1,2-ETHANEDIOL
5 non-polymer 'CHLORIDE ION'
6 water water
#
loop_
_entity_poly.entity_id
_entity_poly.type
_entity_poly.pdbx_seq_one_letter_code
_entity_poly.pdbx_strand_id
1 'polypeptide(L)'
;GPGADSCIQFTRHASDVLLNLNRLRSRDILTDVVIVVSREQFRAHKTVLMACSGLFYSIFTDQLKCNLSVINLDPEINPE
GFCILLDFMYTSRLNLREGNIMAVMATAMYLQMEHVVDTCRKFIKASE
;
A
2 'polypeptide(L)' AWVIPA B
#
# COMPACT_ATOMS: atom_id res chain seq x y z
N ALA A 4 12.14 -22.97 15.85
CA ALA A 4 11.64 -24.31 16.14
C ALA A 4 10.47 -24.70 15.23
N ASP A 5 10.34 -26.01 14.95
CA ASP A 5 9.29 -26.57 14.11
C ASP A 5 8.05 -26.99 14.93
N SER A 6 8.10 -26.76 16.26
CA SER A 6 7.01 -27.11 17.19
C SER A 6 6.11 -25.90 17.59
N CYS A 7 6.17 -24.78 16.84
CA CYS A 7 5.35 -23.59 17.13
C CYS A 7 3.86 -23.85 16.95
N ILE A 8 3.03 -23.05 17.63
CA ILE A 8 1.59 -22.96 17.36
C ILE A 8 1.43 -21.62 16.63
N GLN A 9 0.34 -21.41 15.89
CA GLN A 9 0.16 -20.17 15.13
C GLN A 9 -1.22 -19.58 15.40
N PHE A 10 -1.31 -18.24 15.55
CA PHE A 10 -2.60 -17.57 15.76
C PHE A 10 -3.03 -17.09 14.39
N THR A 11 -4.04 -17.76 13.83
N THR A 11 -4.05 -17.75 13.81
CA THR A 11 -4.53 -17.49 12.49
CA THR A 11 -4.58 -17.50 12.46
C THR A 11 -4.81 -16.01 12.20
C THR A 11 -4.95 -16.05 12.14
N ARG A 12 -5.50 -15.32 13.11
CA ARG A 12 -5.91 -13.91 12.88
C ARG A 12 -4.84 -12.88 13.16
N HIS A 13 -3.65 -13.28 13.65
CA HIS A 13 -2.62 -12.32 14.05
C HIS A 13 -2.23 -11.33 12.94
N ALA A 14 -1.86 -11.85 11.75
CA ALA A 14 -1.41 -10.92 10.69
C ALA A 14 -2.48 -9.90 10.31
N SER A 15 -3.75 -10.33 10.15
N SER A 15 -3.76 -10.35 10.19
N SER A 15 -3.74 -10.35 10.18
CA SER A 15 -4.81 -9.37 9.81
CA SER A 15 -4.89 -9.50 9.87
CA SER A 15 -4.86 -9.46 9.85
C SER A 15 -5.04 -8.38 10.96
C SER A 15 -5.11 -8.44 10.95
C SER A 15 -5.07 -8.42 10.95
N ASP A 16 -4.93 -8.83 12.22
CA ASP A 16 -5.10 -7.92 13.38
C ASP A 16 -3.98 -6.87 13.40
N VAL A 17 -2.72 -7.27 13.09
CA VAL A 17 -1.60 -6.32 13.01
C VAL A 17 -1.89 -5.28 11.96
N LEU A 18 -2.32 -5.72 10.77
CA LEU A 18 -2.62 -4.77 9.69
C LEU A 18 -3.74 -3.82 10.07
N LEU A 19 -4.81 -4.34 10.71
CA LEU A 19 -5.93 -3.52 11.16
C LEU A 19 -5.42 -2.42 12.13
N ASN A 20 -4.53 -2.80 13.07
CA ASN A 20 -3.98 -1.84 14.02
C ASN A 20 -3.05 -0.82 13.34
N LEU A 21 -2.26 -1.26 12.35
CA LEU A 21 -1.41 -0.29 11.60
C LEU A 21 -2.29 0.71 10.84
N ASN A 22 -3.43 0.24 10.29
CA ASN A 22 -4.32 1.19 9.59
C ASN A 22 -4.96 2.16 10.58
N ARG A 23 -5.23 1.71 11.81
CA ARG A 23 -5.78 2.59 12.86
C ARG A 23 -4.73 3.65 13.23
N LEU A 24 -3.42 3.27 13.30
CA LEU A 24 -2.36 4.25 13.56
C LEU A 24 -2.33 5.27 12.41
N ARG A 25 -2.43 4.80 11.14
CA ARG A 25 -2.44 5.72 10.00
C ARG A 25 -3.63 6.70 10.08
N SER A 26 -4.85 6.20 10.42
N SER A 26 -4.85 6.21 10.39
N SER A 26 -4.85 6.23 10.39
CA SER A 26 -6.08 6.98 10.55
CA SER A 26 -6.06 7.02 10.50
CA SER A 26 -6.05 7.08 10.48
C SER A 26 -5.93 8.09 11.59
C SER A 26 -5.95 8.10 11.58
C SER A 26 -5.93 8.18 11.53
N ARG A 27 -5.21 7.81 12.69
N ARG A 27 -5.22 7.80 12.67
CA ARG A 27 -5.00 8.73 13.80
CA ARG A 27 -5.01 8.71 13.80
C ARG A 27 -3.71 9.53 13.66
C ARG A 27 -3.72 9.53 13.66
N ASP A 28 -2.96 9.30 12.57
CA ASP A 28 -1.69 9.97 12.26
C ASP A 28 -0.64 9.70 13.36
N ILE A 29 -0.60 8.47 13.86
CA ILE A 29 0.32 8.09 14.93
C ILE A 29 1.55 7.46 14.30
N LEU A 30 2.72 8.05 14.57
CA LEU A 30 4.05 7.56 14.14
C LEU A 30 4.23 7.48 12.62
N THR A 31 3.39 8.18 11.86
CA THR A 31 3.58 8.29 10.40
C THR A 31 4.89 9.08 10.24
N ASP A 32 5.73 8.67 9.30
CA ASP A 32 7.07 9.24 9.17
C ASP A 32 7.40 9.72 7.77
N VAL A 33 6.42 9.71 6.86
CA VAL A 33 6.69 10.19 5.50
C VAL A 33 5.40 10.75 4.91
N VAL A 34 5.53 11.74 4.03
CA VAL A 34 4.39 12.27 3.29
C VAL A 34 4.71 11.95 1.84
N ILE A 35 3.76 11.32 1.15
CA ILE A 35 3.86 11.02 -0.28
C ILE A 35 3.05 12.08 -1.00
N VAL A 36 3.69 12.79 -1.94
CA VAL A 36 3.05 13.85 -2.70
C VAL A 36 2.77 13.38 -4.10
N VAL A 37 1.50 13.46 -4.50
CA VAL A 37 1.03 13.02 -5.81
C VAL A 37 0.29 14.22 -6.41
N SER A 38 1.08 15.06 -7.10
N SER A 38 0.89 14.91 -7.41
CA SER A 38 0.72 16.36 -7.66
CA SER A 38 0.26 16.06 -8.07
C SER A 38 0.18 17.28 -6.54
C SER A 38 -0.37 17.05 -7.04
N ARG A 39 -1.13 17.55 -6.50
N ARG A 39 0.42 17.39 -6.00
CA ARG A 39 -1.69 18.43 -5.48
CA ARG A 39 0.08 18.29 -4.89
C ARG A 39 -2.11 17.75 -4.19
C ARG A 39 -0.82 17.64 -3.81
N GLU A 40 -2.06 16.41 -4.15
N GLU A 40 -1.43 16.46 -4.08
CA GLU A 40 -2.48 15.69 -2.94
CA GLU A 40 -2.24 15.74 -3.08
C GLU A 40 -1.31 15.16 -2.13
C GLU A 40 -1.26 15.04 -2.13
N GLN A 41 -1.49 15.13 -0.80
CA GLN A 41 -0.52 14.59 0.16
C GLN A 41 -1.10 13.41 0.90
N PHE A 42 -0.28 12.39 1.16
CA PHE A 42 -0.72 11.18 1.87
C PHE A 42 0.31 10.83 2.94
N ARG A 43 -0.10 10.79 4.21
CA ARG A 43 0.82 10.42 5.29
C ARG A 43 0.82 8.90 5.43
N ALA A 44 1.97 8.33 5.69
CA ALA A 44 2.06 6.88 5.83
C ALA A 44 3.26 6.48 6.67
N HIS A 45 3.42 5.16 6.88
CA HIS A 45 4.56 4.59 7.58
C HIS A 45 5.50 4.00 6.51
N LYS A 46 6.77 4.41 6.53
CA LYS A 46 7.73 3.91 5.54
C LYS A 46 7.77 2.39 5.52
N THR A 47 7.75 1.76 6.69
CA THR A 47 7.85 0.28 6.74
C THR A 47 6.71 -0.40 6.04
N VAL A 48 5.47 0.10 6.17
CA VAL A 48 4.34 -0.51 5.49
C VAL A 48 4.49 -0.30 3.97
N LEU A 49 4.88 0.92 3.55
CA LEU A 49 5.08 1.16 2.11
C LEU A 49 6.12 0.18 1.51
N MET A 50 7.25 -0.02 2.22
CA MET A 50 8.34 -0.90 1.78
C MET A 50 7.90 -2.35 1.75
N ALA A 51 7.02 -2.75 2.68
CA ALA A 51 6.59 -4.13 2.75
C ALA A 51 5.60 -4.47 1.63
N CYS A 52 5.04 -3.43 0.96
CA CYS A 52 4.03 -3.64 -0.08
C CYS A 52 4.47 -3.33 -1.49
N SER A 53 5.41 -2.40 -1.64
CA SER A 53 5.77 -1.86 -2.95
C SER A 53 7.26 -2.01 -3.24
N GLY A 54 7.57 -2.55 -4.41
CA GLY A 54 8.96 -2.66 -4.85
C GLY A 54 9.61 -1.30 -5.02
N LEU A 55 8.81 -0.30 -5.46
CA LEU A 55 9.34 1.05 -5.63
C LEU A 55 9.71 1.67 -4.30
N PHE A 56 8.81 1.59 -3.30
CA PHE A 56 9.13 2.15 -1.97
C PHE A 56 10.26 1.40 -1.29
N TYR A 57 10.35 0.07 -1.51
CA TYR A 57 11.45 -0.70 -0.94
C TYR A 57 12.78 -0.13 -1.47
N SER A 58 12.87 0.12 -2.79
CA SER A 58 14.06 0.69 -3.40
C SER A 58 14.35 2.08 -2.85
N ILE A 59 13.33 2.94 -2.72
CA ILE A 59 13.47 4.30 -2.19
C ILE A 59 13.98 4.32 -0.76
N PHE A 60 13.31 3.61 0.14
CA PHE A 60 13.64 3.69 1.56
C PHE A 60 14.84 2.83 1.98
N THR A 61 15.45 2.07 1.05
CA THR A 61 16.72 1.37 1.33
C THR A 61 17.88 2.17 0.73
N ASP A 62 17.56 3.27 0.02
CA ASP A 62 18.62 4.12 -0.54
C ASP A 62 19.19 4.96 0.61
N GLN A 63 20.53 5.04 0.72
CA GLN A 63 21.20 5.72 1.80
C GLN A 63 20.88 7.22 1.93
N LEU A 64 20.50 7.90 0.82
CA LEU A 64 20.09 9.31 0.88
C LEU A 64 18.57 9.46 1.04
N LYS A 65 17.78 8.71 0.24
CA LYS A 65 16.33 8.85 0.24
C LYS A 65 15.65 8.36 1.49
N CYS A 66 16.28 7.39 2.21
CA CYS A 66 15.73 6.84 3.45
C CYS A 66 15.50 7.92 4.52
N ASN A 67 16.19 9.07 4.40
CA ASN A 67 16.11 10.18 5.36
C ASN A 67 15.16 11.31 4.95
N LEU A 68 14.54 11.20 3.77
CA LEU A 68 13.61 12.22 3.33
C LEU A 68 12.25 12.04 4.01
N SER A 69 11.62 13.16 4.37
N SER A 69 11.63 13.16 4.39
CA SER A 69 10.32 13.16 5.03
CA SER A 69 10.32 13.19 5.04
C SER A 69 9.21 13.38 4.00
C SER A 69 9.21 13.37 4.00
N VAL A 70 9.57 13.76 2.76
CA VAL A 70 8.61 13.98 1.67
C VAL A 70 9.14 13.29 0.43
N ILE A 71 8.29 12.48 -0.23
CA ILE A 71 8.64 11.81 -1.50
C ILE A 71 7.63 12.28 -2.55
N ASN A 72 8.13 12.82 -3.65
CA ASN A 72 7.27 13.30 -4.73
C ASN A 72 7.18 12.25 -5.84
N LEU A 73 5.98 11.79 -6.15
CA LEU A 73 5.78 10.80 -7.23
C LEU A 73 5.69 11.46 -8.61
N ASP A 74 5.90 10.65 -9.66
CA ASP A 74 5.85 11.10 -11.06
C ASP A 74 4.51 11.84 -11.35
N PRO A 75 4.53 13.01 -12.05
CA PRO A 75 3.28 13.74 -12.29
C PRO A 75 2.20 12.97 -13.04
N GLU A 76 2.58 11.87 -13.73
CA GLU A 76 1.60 11.06 -14.46
C GLU A 76 0.74 10.22 -13.51
N ILE A 77 1.16 10.05 -12.24
CA ILE A 77 0.41 9.24 -11.29
C ILE A 77 -0.85 9.93 -10.82
N ASN A 78 -1.95 9.19 -10.89
CA ASN A 78 -3.28 9.65 -10.52
C ASN A 78 -3.44 9.59 -8.98
N PRO A 79 -3.77 10.72 -8.30
CA PRO A 79 -3.93 10.67 -6.83
C PRO A 79 -4.99 9.69 -6.33
N GLU A 80 -6.13 9.57 -7.05
CA GLU A 80 -7.16 8.63 -6.61
C GLU A 80 -6.62 7.19 -6.71
N GLY A 81 -5.91 6.89 -7.81
CA GLY A 81 -5.28 5.57 -8.01
C GLY A 81 -4.31 5.27 -6.88
N PHE A 82 -3.49 6.28 -6.49
CA PHE A 82 -2.56 6.11 -5.39
C PHE A 82 -3.34 5.88 -4.08
N CYS A 83 -4.40 6.67 -3.83
CA CYS A 83 -5.21 6.53 -2.60
C CYS A 83 -5.78 5.10 -2.47
N ILE A 84 -6.29 4.56 -3.60
CA ILE A 84 -6.85 3.20 -3.61
C ILE A 84 -5.76 2.17 -3.28
N LEU A 85 -4.56 2.35 -3.85
CA LEU A 85 -3.47 1.41 -3.57
C LEU A 85 -2.93 1.53 -2.15
N LEU A 86 -2.89 2.75 -1.61
CA LEU A 86 -2.48 2.97 -0.21
C LEU A 86 -3.48 2.29 0.73
N ASP A 87 -4.79 2.44 0.46
CA ASP A 87 -5.81 1.73 1.26
C ASP A 87 -5.61 0.21 1.16
N PHE A 88 -5.34 -0.31 -0.05
CA PHE A 88 -5.07 -1.75 -0.23
C PHE A 88 -3.86 -2.18 0.64
N MET A 89 -2.74 -1.41 0.59
CA MET A 89 -1.58 -1.76 1.42
C MET A 89 -1.95 -1.98 2.90
N TYR A 90 -2.78 -1.10 3.41
CA TYR A 90 -3.16 -1.15 4.81
C TYR A 90 -4.39 -2.03 5.19
N THR A 91 -5.14 -2.52 4.21
CA THR A 91 -6.32 -3.33 4.48
C THR A 91 -6.52 -4.64 3.70
N SER A 92 -5.71 -4.89 2.68
CA SER A 92 -5.85 -6.06 1.78
CA SER A 92 -5.81 -6.02 1.75
C SER A 92 -7.05 -5.92 0.84
N ARG A 93 -7.80 -4.80 0.94
CA ARG A 93 -9.02 -4.57 0.15
C ARG A 93 -8.73 -3.59 -0.97
N LEU A 94 -9.09 -3.98 -2.19
CA LEU A 94 -8.87 -3.16 -3.39
C LEU A 94 -10.19 -2.70 -3.98
N ASN A 95 -10.42 -1.39 -4.01
CA ASN A 95 -11.66 -0.84 -4.52
C ASN A 95 -11.52 -0.66 -6.03
N LEU A 96 -11.65 -1.77 -6.77
CA LEU A 96 -11.47 -1.79 -8.21
C LEU A 96 -12.83 -1.62 -8.90
N ARG A 97 -12.95 -0.57 -9.73
CA ARG A 97 -14.18 -0.19 -10.45
C ARG A 97 -13.88 0.06 -11.91
N GLU A 98 -14.91 -0.04 -12.78
CA GLU A 98 -14.74 0.24 -14.21
C GLU A 98 -14.10 1.63 -14.42
N GLY A 99 -14.53 2.61 -13.62
CA GLY A 99 -14.05 3.98 -13.74
C GLY A 99 -12.65 4.25 -13.22
N ASN A 100 -12.06 3.31 -12.47
CA ASN A 100 -10.72 3.56 -11.93
C ASN A 100 -9.68 2.51 -12.32
N ILE A 101 -10.08 1.40 -12.97
CA ILE A 101 -9.17 0.28 -13.21
C ILE A 101 -7.90 0.68 -14.00
N MET A 102 -8.04 1.53 -15.02
CA MET A 102 -6.84 1.91 -15.79
C MET A 102 -5.86 2.68 -14.93
N ALA A 103 -6.35 3.61 -14.09
CA ALA A 103 -5.49 4.39 -13.18
C ALA A 103 -4.88 3.50 -12.09
N VAL A 104 -5.66 2.55 -11.55
CA VAL A 104 -5.15 1.62 -10.54
C VAL A 104 -4.04 0.75 -11.12
N MET A 105 -4.26 0.18 -12.32
CA MET A 105 -3.25 -0.67 -12.95
C MET A 105 -1.97 0.12 -13.21
N ALA A 106 -2.08 1.34 -13.79
CA ALA A 106 -0.90 2.17 -14.08
C ALA A 106 -0.13 2.49 -12.80
N THR A 107 -0.86 2.79 -11.72
CA THR A 107 -0.21 3.13 -10.44
C THR A 107 0.47 1.89 -9.86
N ALA A 108 -0.19 0.70 -9.95
CA ALA A 108 0.38 -0.54 -9.40
C ALA A 108 1.64 -0.95 -10.17
N MET A 109 1.66 -0.70 -11.50
CA MET A 109 2.85 -0.98 -12.30
C MET A 109 4.02 -0.10 -11.83
N TYR A 110 3.75 1.19 -11.62
CA TYR A 110 4.75 2.15 -11.15
C TYR A 110 5.25 1.79 -9.75
N LEU A 111 4.33 1.39 -8.88
CA LEU A 111 4.69 1.06 -7.52
C LEU A 111 5.26 -0.33 -7.38
N GLN A 112 5.29 -1.09 -8.47
CA GLN A 112 5.75 -2.48 -8.49
C GLN A 112 4.97 -3.36 -7.51
N MET A 113 3.66 -3.40 -7.70
CA MET A 113 2.78 -4.23 -6.90
C MET A 113 2.16 -5.25 -7.86
N GLU A 114 2.86 -6.36 -7.99
CA GLU A 114 2.57 -7.42 -8.96
C GLU A 114 1.21 -8.09 -8.84
N HIS A 115 0.76 -8.38 -7.60
CA HIS A 115 -0.54 -9.05 -7.44
C HIS A 115 -1.69 -8.16 -7.89
N VAL A 116 -1.60 -6.84 -7.61
CA VAL A 116 -2.63 -5.88 -8.06
C VAL A 116 -2.59 -5.80 -9.60
N VAL A 117 -1.38 -5.72 -10.19
CA VAL A 117 -1.25 -5.65 -11.65
C VAL A 117 -1.94 -6.87 -12.29
N ASP A 118 -1.66 -8.07 -11.76
CA ASP A 118 -2.25 -9.32 -12.24
C ASP A 118 -3.79 -9.31 -12.24
N THR A 119 -4.43 -8.90 -11.12
N THR A 119 -4.43 -8.87 -11.14
CA THR A 119 -5.91 -8.88 -11.05
CA THR A 119 -5.91 -8.83 -11.05
C THR A 119 -6.50 -7.82 -11.99
C THR A 119 -6.48 -7.82 -12.02
N CYS A 120 -5.81 -6.66 -12.18
CA CYS A 120 -6.28 -5.61 -13.09
C CYS A 120 -6.29 -6.15 -14.51
N ARG A 121 -5.19 -6.82 -14.90
CA ARG A 121 -5.07 -7.41 -16.24
C ARG A 121 -6.17 -8.43 -16.49
N LYS A 122 -6.50 -9.25 -15.48
CA LYS A 122 -7.57 -10.26 -15.58
C LYS A 122 -8.95 -9.61 -15.77
N PHE A 123 -9.26 -8.57 -14.97
CA PHE A 123 -10.55 -7.87 -15.05
C PHE A 123 -10.70 -7.13 -16.36
N ILE A 124 -9.60 -6.55 -16.90
CA ILE A 124 -9.62 -5.86 -18.20
C ILE A 124 -9.88 -6.87 -19.32
N LYS A 125 -9.15 -8.00 -19.31
CA LYS A 125 -9.30 -9.07 -20.31
C LYS A 125 -10.72 -9.63 -20.36
N ALA A 126 -11.36 -9.80 -19.19
CA ALA A 126 -12.74 -10.32 -19.12
C ALA A 126 -13.77 -9.38 -19.80
N SER A 127 -13.51 -8.05 -19.79
CA SER A 127 -14.40 -7.04 -20.37
C SER A 127 -14.18 -6.78 -21.86
N GLU A 128 -13.13 -7.39 -22.45
CA GLU A 128 -12.85 -7.21 -23.89
C GLU A 128 -13.34 -8.41 -24.72
CA ALA B 1 -7.90 -19.24 17.11
C ALA B 1 -6.45 -19.68 16.86
N TRP B 2 -5.97 -20.65 17.63
CA TRP B 2 -4.63 -21.18 17.51
C TRP B 2 -4.66 -22.49 16.75
N VAL B 3 -3.64 -22.73 15.93
CA VAL B 3 -3.55 -23.97 15.10
C VAL B 3 -2.13 -24.51 15.05
N ILE B 4 -1.99 -25.76 14.55
CA ILE B 4 -0.68 -26.34 14.25
C ILE B 4 -0.39 -25.86 12.81
N PRO B 5 0.62 -25.01 12.59
CA PRO B 5 0.85 -24.50 11.21
C PRO B 5 1.43 -25.54 10.25
N ALA B 6 1.11 -25.41 8.94
#